data_3PNN
#
_entry.id   3PNN
#
_cell.length_a   109.038
_cell.length_b   109.038
_cell.length_c   124.637
_cell.angle_alpha   90.00
_cell.angle_beta   90.00
_cell.angle_gamma   120.00
#
_symmetry.space_group_name_H-M   'P 61 2 2'
#
loop_
_entity.id
_entity.type
_entity.pdbx_description
1 polymer 'Conserved domain protein'
2 non-polymer GLYCEROL
3 water water
#
_entity_poly.entity_id   1
_entity_poly.type   'polypeptide(L)'
_entity_poly.pdbx_seq_one_letter_code
;SNA(MSE)KPTLFVLAAG(MSE)GSRYGSLKQLDGIGPGGDTI(MSE)DYSVYDAIRAGFGRLVFVIRHSFEKEFREKIL
TKYEGRIPVELVFQELDRLPEGFSCPEGREKPWGTNHAVL(MSE)GRDAIREPFAVINADDFYGRNGFEVLARKL(MSE)
TLEGKQGEYC(MSE)VGYRVGNTLSESGGVSRGVCQVDEKHLLTGVVERTGIERTDGTISFRDETGKICTLAEDAPVS
(MSE)N(MSE)WGFTPDYFDYSEELFINFLNAHGQEPKSEFFIPFVVNDLIRSGRASVEVLDTTARWFGVTYSDDRPGVV
AKLRELTEAGEYPTKLF
;
_entity_poly.pdbx_strand_id   A
#
# COMPACT_ATOMS: atom_id res chain seq x y z
N ALA A 3 26.25 2.04 -6.31
CA ALA A 3 25.06 1.53 -6.97
C ALA A 3 23.82 1.74 -6.09
N LYS A 5 20.17 1.54 -4.33
CA LYS A 5 19.20 0.57 -3.85
C LYS A 5 17.92 1.33 -3.58
N PRO A 6 16.77 0.77 -3.98
CA PRO A 6 15.51 1.51 -3.82
C PRO A 6 15.02 1.54 -2.39
N THR A 7 14.13 2.49 -2.11
CA THR A 7 13.59 2.69 -0.78
C THR A 7 12.24 1.99 -0.65
N LEU A 8 11.98 1.37 0.50
CA LEU A 8 10.64 0.85 0.80
C LEU A 8 9.90 1.84 1.71
N PHE A 9 8.78 2.37 1.23
CA PHE A 9 8.02 3.39 1.95
C PHE A 9 6.77 2.66 2.44
N VAL A 10 6.65 2.52 3.75
CA VAL A 10 5.55 1.77 4.33
C VAL A 10 4.47 2.69 4.89
N LEU A 11 3.24 2.52 4.41
CA LEU A 11 2.10 3.31 4.90
C LEU A 11 1.62 2.80 6.26
N ALA A 12 2.15 3.39 7.33
CA ALA A 12 1.89 2.90 8.68
C ALA A 12 1.10 3.89 9.54
N ALA A 13 0.50 4.88 8.91
CA ALA A 13 -0.10 5.98 9.64
C ALA A 13 -1.39 5.55 10.33
N GLY A 14 -1.96 4.43 9.88
CA GLY A 14 -3.20 3.91 10.43
C GLY A 14 -3.03 2.95 11.60
N GLY A 16 -2.17 3.41 14.74
CA GLY A 16 -2.45 3.87 16.08
C GLY A 16 -3.90 3.64 16.47
N SER A 17 -4.16 3.58 17.77
CA SER A 17 -5.52 3.55 18.28
C SER A 17 -6.05 4.98 18.30
N ARG A 18 -7.24 5.20 18.84
CA ARG A 18 -7.77 6.55 18.88
C ARG A 18 -7.49 7.27 20.19
N TYR A 19 -6.48 6.79 20.92
CA TYR A 19 -6.16 7.35 22.23
C TYR A 19 -4.66 7.37 22.57
N GLY A 20 -3.82 7.65 21.58
CA GLY A 20 -2.40 7.87 21.82
C GLY A 20 -1.56 6.62 22.08
N SER A 21 -1.91 5.53 21.42
CA SER A 21 -1.15 4.30 21.57
C SER A 21 -1.12 3.53 20.26
N LEU A 22 -0.23 2.55 20.19
CA LEU A 22 -0.14 1.67 19.03
C LEU A 22 -1.21 0.60 19.17
N LYS A 23 -1.87 0.22 18.07
CA LYS A 23 -2.83 -0.88 18.14
C LYS A 23 -2.08 -2.13 18.57
N GLN A 24 -2.79 -3.06 19.21
CA GLN A 24 -2.21 -4.36 19.55
C GLN A 24 -1.55 -5.00 18.33
N LEU A 25 -0.28 -5.41 18.49
CA LEU A 25 0.43 -6.10 17.42
C LEU A 25 -0.04 -7.54 17.33
N ASP A 26 -0.07 -8.07 16.11
CA ASP A 26 -0.53 -9.44 15.93
C ASP A 26 0.65 -10.33 15.51
N GLY A 27 1.19 -11.10 16.46
CA GLY A 27 2.27 -12.04 16.18
C GLY A 27 1.71 -13.25 15.45
N ILE A 28 1.41 -13.05 14.17
CA ILE A 28 0.59 -14.00 13.42
C ILE A 28 1.36 -15.16 12.79
N GLY A 29 2.65 -14.96 12.51
CA GLY A 29 3.48 -16.03 11.99
C GLY A 29 3.84 -17.04 13.07
N PRO A 30 4.39 -18.20 12.67
CA PRO A 30 4.66 -19.27 13.65
C PRO A 30 5.69 -18.89 14.72
N GLY A 31 6.55 -17.92 14.44
CA GLY A 31 7.52 -17.45 15.41
C GLY A 31 7.09 -16.18 16.12
N GLY A 32 5.85 -15.75 15.86
CA GLY A 32 5.34 -14.56 16.50
C GLY A 32 5.63 -13.28 15.75
N ASP A 33 6.06 -13.39 14.49
CA ASP A 33 6.29 -12.20 13.67
C ASP A 33 4.99 -11.65 13.06
N THR A 34 4.95 -10.33 12.83
CA THR A 34 3.80 -9.67 12.25
C THR A 34 3.83 -9.70 10.72
N ILE A 35 2.72 -9.37 10.09
CA ILE A 35 2.70 -9.29 8.63
C ILE A 35 3.74 -8.28 8.14
N ASP A 37 6.52 -7.57 9.43
CA ASP A 37 7.82 -8.26 9.52
C ASP A 37 8.13 -9.08 8.27
N TYR A 38 7.14 -9.84 7.76
CA TYR A 38 7.34 -10.58 6.50
C TYR A 38 7.68 -9.63 5.35
N SER A 39 7.01 -8.48 5.29
CA SER A 39 7.31 -7.50 4.21
C SER A 39 8.73 -7.00 4.30
N VAL A 40 9.16 -6.63 5.51
CA VAL A 40 10.51 -6.10 5.69
C VAL A 40 11.54 -7.18 5.37
N TYR A 41 11.32 -8.39 5.87
CA TYR A 41 12.23 -9.50 5.56
C TYR A 41 12.38 -9.68 4.05
N ASP A 42 11.26 -9.71 3.33
CA ASP A 42 11.34 -9.92 1.88
C ASP A 42 11.93 -8.70 1.17
N ALA A 43 11.66 -7.50 1.68
CA ALA A 43 12.21 -6.31 1.01
C ALA A 43 13.73 -6.35 1.13
N ILE A 44 14.23 -6.73 2.30
CA ILE A 44 15.67 -6.86 2.47
C ILE A 44 16.22 -7.89 1.51
N ARG A 45 15.59 -9.07 1.46
CA ARG A 45 16.05 -10.13 0.56
C ARG A 45 16.04 -9.67 -0.90
N ALA A 46 15.07 -8.83 -1.24
CA ALA A 46 14.92 -8.37 -2.63
C ALA A 46 15.87 -7.24 -3.01
N GLY A 47 16.57 -6.68 -2.03
CA GLY A 47 17.60 -5.69 -2.32
C GLY A 47 17.19 -4.25 -2.12
N PHE A 48 16.12 -4.01 -1.36
CA PHE A 48 15.77 -2.64 -0.96
C PHE A 48 16.83 -2.13 0.00
N GLY A 49 17.13 -0.83 -0.08
CA GLY A 49 18.26 -0.26 0.65
C GLY A 49 17.94 0.41 1.97
N ARG A 50 16.68 0.80 2.16
CA ARG A 50 16.29 1.49 3.38
C ARG A 50 14.77 1.47 3.51
N LEU A 51 14.30 1.66 4.75
CA LEU A 51 12.88 1.73 5.04
C LEU A 51 12.50 3.13 5.49
N VAL A 52 11.37 3.61 5.00
CA VAL A 52 10.75 4.81 5.54
C VAL A 52 9.32 4.45 5.97
N PHE A 53 8.96 4.79 7.21
CA PHE A 53 7.60 4.60 7.71
C PHE A 53 6.94 5.95 7.87
N VAL A 54 5.74 6.10 7.30
CA VAL A 54 4.93 7.26 7.70
C VAL A 54 4.01 6.82 8.84
N ILE A 55 4.11 7.51 9.98
CA ILE A 55 3.28 7.22 11.14
C ILE A 55 2.69 8.54 11.63
N ARG A 56 2.12 8.55 12.84
CA ARG A 56 1.69 9.82 13.45
C ARG A 56 2.35 9.98 14.80
N HIS A 57 2.49 11.23 15.26
CA HIS A 57 3.15 11.48 16.54
C HIS A 57 2.43 10.80 17.70
N SER A 58 1.11 10.67 17.59
CA SER A 58 0.30 10.09 18.67
C SER A 58 0.72 8.68 19.09
N PHE A 59 1.40 7.95 18.21
CA PHE A 59 1.87 6.61 18.58
C PHE A 59 3.36 6.42 18.31
N GLU A 60 4.09 7.52 18.25
CA GLU A 60 5.51 7.46 17.91
C GLU A 60 6.30 6.70 18.98
N LYS A 61 6.02 7.00 20.25
CA LYS A 61 6.79 6.37 21.33
C LYS A 61 6.74 4.85 21.23
N GLU A 62 5.53 4.30 21.11
CA GLU A 62 5.41 2.84 21.05
C GLU A 62 5.92 2.30 19.73
N PHE A 63 5.78 3.07 18.66
CA PHE A 63 6.29 2.60 17.37
C PHE A 63 7.80 2.42 17.49
N ARG A 64 8.48 3.39 18.09
CA ARG A 64 9.92 3.29 18.26
C ARG A 64 10.27 2.10 19.17
N GLU A 65 9.51 1.94 20.25
CA GLU A 65 9.82 0.88 21.22
C GLU A 65 9.58 -0.53 20.69
N LYS A 66 8.45 -0.72 20.01
CA LYS A 66 7.99 -2.07 19.67
C LYS A 66 8.29 -2.45 18.23
N ILE A 67 8.45 -1.48 17.35
CA ILE A 67 8.63 -1.81 15.94
C ILE A 67 10.03 -1.47 15.40
N LEU A 68 10.48 -0.23 15.59
CA LEU A 68 11.80 0.15 15.07
C LEU A 68 12.92 -0.71 15.65
N THR A 69 12.76 -1.15 16.90
CA THR A 69 13.79 -1.95 17.56
C THR A 69 13.97 -3.29 16.84
N LYS A 70 12.94 -3.74 16.13
CA LYS A 70 13.05 -5.01 15.41
C LYS A 70 13.97 -4.89 14.19
N TYR A 71 14.02 -3.71 13.59
CA TYR A 71 14.72 -3.54 12.31
C TYR A 71 16.03 -2.78 12.40
N GLU A 72 16.23 -2.01 13.48
CA GLU A 72 17.43 -1.17 13.57
C GLU A 72 18.68 -2.03 13.45
N GLY A 73 19.65 -1.55 12.69
CA GLY A 73 20.86 -2.32 12.50
C GLY A 73 20.74 -3.40 11.43
N ARG A 74 19.53 -3.80 11.07
CA ARG A 74 19.34 -4.77 9.99
C ARG A 74 19.26 -4.03 8.65
N ILE A 75 18.67 -2.83 8.70
CA ILE A 75 18.45 -2.00 7.52
C ILE A 75 18.20 -0.59 8.03
N PRO A 76 18.66 0.43 7.28
CA PRO A 76 18.39 1.81 7.72
C PRO A 76 16.89 2.08 7.80
N VAL A 77 16.47 2.81 8.82
CA VAL A 77 15.05 3.12 8.99
C VAL A 77 14.86 4.59 9.30
N GLU A 78 13.76 5.16 8.82
CA GLU A 78 13.46 6.57 9.10
C GLU A 78 11.95 6.72 9.29
N LEU A 79 11.57 7.60 10.22
CA LEU A 79 10.16 7.95 10.42
C LEU A 79 9.81 9.31 9.83
N VAL A 80 8.66 9.38 9.14
CA VAL A 80 8.05 10.65 8.78
C VAL A 80 6.65 10.67 9.36
N PHE A 81 6.05 11.87 9.45
CA PHE A 81 4.83 12.00 10.24
C PHE A 81 3.67 12.63 9.46
N GLN A 82 2.53 11.95 9.46
CA GLN A 82 1.34 12.50 8.82
C GLN A 82 0.50 13.23 9.85
N GLU A 83 0.40 14.56 9.71
CA GLU A 83 -0.45 15.36 10.59
C GLU A 83 -1.46 16.17 9.77
N LEU A 84 -2.58 16.49 10.40
CA LEU A 84 -3.66 17.21 9.73
C LEU A 84 -3.24 18.58 9.19
N ASP A 85 -2.29 19.23 9.87
CA ASP A 85 -1.90 20.59 9.51
C ASP A 85 -0.73 20.64 8.52
N ARG A 86 -0.29 19.48 8.05
CA ARG A 86 0.78 19.42 7.06
CA ARG A 86 0.78 19.44 7.05
C ARG A 86 0.21 19.61 5.65
N LEU A 87 -0.10 20.87 5.32
CA LEU A 87 -0.76 21.23 4.07
C LEU A 87 0.11 22.20 3.28
N PRO A 88 -0.13 22.31 1.97
CA PRO A 88 0.65 23.25 1.15
C PRO A 88 0.55 24.67 1.67
N GLU A 89 1.63 25.43 1.53
CA GLU A 89 1.63 26.82 1.95
C GLU A 89 0.39 27.53 1.40
N GLY A 90 -0.33 28.21 2.28
CA GLY A 90 -1.51 28.94 1.87
C GLY A 90 -2.82 28.30 2.31
N PHE A 91 -2.75 27.01 2.66
CA PHE A 91 -3.92 26.29 3.12
C PHE A 91 -3.88 26.07 4.63
N SER A 92 -5.05 26.19 5.26
CA SER A 92 -5.18 25.87 6.67
C SER A 92 -6.14 24.70 6.84
N CYS A 93 -5.96 23.94 7.92
CA CYS A 93 -6.86 22.85 8.23
C CYS A 93 -8.16 23.37 8.85
N PRO A 94 -9.31 23.02 8.25
CA PRO A 94 -10.62 23.45 8.74
C PRO A 94 -10.82 23.16 10.23
N GLU A 95 -11.65 23.98 10.88
CA GLU A 95 -11.87 23.87 12.32
C GLU A 95 -12.35 22.49 12.75
N GLY A 96 -13.33 21.95 12.02
CA GLY A 96 -13.97 20.71 12.42
C GLY A 96 -13.30 19.44 11.94
N ARG A 97 -12.29 19.58 11.08
CA ARG A 97 -11.63 18.41 10.48
C ARG A 97 -10.88 17.54 11.49
N GLU A 98 -11.16 16.24 11.47
CA GLU A 98 -10.46 15.29 12.33
C GLU A 98 -9.95 14.08 11.54
N LYS A 99 -10.65 13.73 10.47
CA LYS A 99 -10.28 12.60 9.65
C LYS A 99 -9.01 12.88 8.84
N PRO A 100 -8.04 11.97 8.87
CA PRO A 100 -6.80 12.16 8.11
C PRO A 100 -7.07 12.33 6.62
N TRP A 101 -6.21 13.08 5.94
CA TRP A 101 -6.44 13.47 4.56
C TRP A 101 -6.43 12.36 3.53
N GLY A 102 -5.82 11.22 3.86
CA GLY A 102 -5.86 10.07 2.96
C GLY A 102 -4.49 9.49 2.60
N THR A 103 -4.48 8.34 1.94
CA THR A 103 -3.21 7.66 1.65
C THR A 103 -2.21 8.46 0.82
N ASN A 104 -2.67 9.26 -0.13
CA ASN A 104 -1.71 10.01 -0.94
C ASN A 104 -1.19 11.23 -0.16
N HIS A 105 -1.93 11.70 0.85
CA HIS A 105 -1.39 12.73 1.74
C HIS A 105 -0.29 12.11 2.63
N ALA A 106 -0.53 10.90 3.12
CA ALA A 106 0.51 10.14 3.81
C ALA A 106 1.77 9.97 2.97
N VAL A 107 1.61 9.65 1.68
CA VAL A 107 2.76 9.54 0.78
C VAL A 107 3.55 10.85 0.70
N LEU A 108 2.85 11.97 0.57
CA LEU A 108 3.49 13.28 0.51
C LEU A 108 4.43 13.53 1.70
N GLY A 110 6.67 11.71 2.82
CA GLY A 110 7.99 11.18 2.53
C GLY A 110 8.83 12.01 1.54
N ARG A 111 8.30 13.16 1.13
CA ARG A 111 8.89 13.90 0.02
C ARG A 111 10.33 14.40 0.24
N ASP A 112 10.67 14.79 1.46
CA ASP A 112 12.04 15.26 1.72
C ASP A 112 13.01 14.11 2.04
N ALA A 113 12.48 13.01 2.56
CA ALA A 113 13.31 11.89 2.98
C ALA A 113 13.66 10.95 1.82
N ILE A 114 12.82 10.92 0.79
CA ILE A 114 13.01 9.92 -0.27
C ILE A 114 13.46 10.62 -1.55
N ARG A 115 14.68 10.33 -1.98
CA ARG A 115 15.24 11.00 -3.16
C ARG A 115 15.75 9.99 -4.17
N GLU A 116 15.09 8.83 -4.24
CA GLU A 116 15.48 7.78 -5.17
C GLU A 116 14.20 7.02 -5.51
N PRO A 117 14.25 6.11 -6.49
CA PRO A 117 13.05 5.30 -6.78
C PRO A 117 12.59 4.56 -5.51
N PHE A 118 11.28 4.47 -5.33
CA PHE A 118 10.75 3.90 -4.09
C PHE A 118 9.47 3.11 -4.31
N ALA A 119 9.28 2.09 -3.47
CA ALA A 119 8.03 1.35 -3.39
C ALA A 119 7.13 1.93 -2.32
N VAL A 120 5.82 1.86 -2.55
CA VAL A 120 4.84 2.16 -1.52
C VAL A 120 4.04 0.90 -1.26
N ILE A 121 3.92 0.50 0.00
CA ILE A 121 3.11 -0.66 0.36
C ILE A 121 2.32 -0.41 1.63
N ASN A 122 1.28 -1.22 1.83
CA ASN A 122 0.52 -1.16 3.08
C ASN A 122 1.28 -1.86 4.19
N ALA A 123 0.92 -1.55 5.43
CA ALA A 123 1.64 -2.06 6.60
C ALA A 123 1.13 -3.43 7.09
N ASP A 124 -0.03 -3.85 6.64
CA ASP A 124 -0.65 -5.05 7.21
C ASP A 124 -1.19 -5.98 6.13
N ASP A 125 -0.63 -5.89 4.93
CA ASP A 125 -0.93 -6.86 3.86
C ASP A 125 0.30 -7.70 3.55
N PHE A 126 0.07 -8.97 3.25
CA PHE A 126 1.15 -9.88 2.85
C PHE A 126 1.22 -9.94 1.33
N TYR A 127 2.34 -9.47 0.77
CA TYR A 127 2.48 -9.33 -0.69
C TYR A 127 3.18 -10.52 -1.34
N GLY A 128 4.03 -11.23 -0.58
CA GLY A 128 4.77 -12.36 -1.10
C GLY A 128 6.12 -11.98 -1.69
N ARG A 129 7.09 -12.89 -1.57
CA ARG A 129 8.46 -12.56 -1.94
C ARG A 129 8.62 -12.07 -3.37
N ASN A 130 7.98 -12.74 -4.33
CA ASN A 130 8.15 -12.33 -5.72
C ASN A 130 7.60 -10.94 -6.07
N GLY A 131 6.63 -10.47 -5.27
CA GLY A 131 6.14 -9.10 -5.40
C GLY A 131 7.27 -8.11 -5.16
N PHE A 132 7.99 -8.30 -4.06
CA PHE A 132 9.19 -7.47 -3.81
C PHE A 132 10.27 -7.64 -4.86
N GLU A 133 10.46 -8.87 -5.36
CA GLU A 133 11.49 -9.10 -6.38
C GLU A 133 11.23 -8.38 -7.69
N VAL A 134 10.01 -8.49 -8.23
CA VAL A 134 9.75 -7.81 -9.50
C VAL A 134 9.77 -6.30 -9.32
N LEU A 135 9.32 -5.84 -8.16
CA LEU A 135 9.27 -4.40 -7.91
C LEU A 135 10.66 -3.78 -7.77
N ALA A 136 11.50 -4.44 -6.98
CA ALA A 136 12.86 -3.95 -6.83
C ALA A 136 13.58 -3.92 -8.19
N ARG A 137 13.42 -4.98 -8.98
CA ARG A 137 14.08 -5.01 -10.28
C ARG A 137 13.64 -3.84 -11.16
N LYS A 138 12.34 -3.58 -11.20
CA LYS A 138 11.82 -2.48 -12.02
C LYS A 138 12.31 -1.12 -11.51
N LEU A 139 12.27 -0.91 -10.20
CA LEU A 139 12.69 0.37 -9.60
C LEU A 139 14.13 0.67 -9.96
N THR A 141 15.53 0.16 -12.67
CA THR A 141 15.60 0.70 -14.03
C THR A 141 15.08 2.13 -14.15
N LEU A 142 14.48 2.66 -13.09
CA LEU A 142 13.78 3.94 -13.15
C LEU A 142 14.60 5.12 -12.66
N GLU A 143 15.83 4.87 -12.24
CA GLU A 143 16.65 5.94 -11.70
C GLU A 143 16.76 7.12 -12.66
N GLY A 144 16.49 8.32 -12.15
CA GLY A 144 16.56 9.54 -12.94
C GLY A 144 15.42 9.80 -13.91
N LYS A 145 14.45 8.88 -13.97
CA LYS A 145 13.31 9.06 -14.88
C LYS A 145 12.19 9.93 -14.29
N GLN A 146 11.31 10.43 -15.16
CA GLN A 146 10.17 11.25 -14.74
C GLN A 146 8.92 10.61 -15.32
N GLY A 147 7.93 10.31 -14.48
CA GLY A 147 6.63 9.90 -14.99
C GLY A 147 6.61 8.48 -15.53
N GLU A 148 7.62 7.68 -15.17
CA GLU A 148 7.62 6.24 -15.50
C GLU A 148 7.56 5.43 -14.20
N TYR A 149 6.38 4.87 -13.92
CA TYR A 149 6.11 4.21 -12.64
C TYR A 149 5.70 2.76 -12.88
N CYS A 150 5.33 2.06 -11.81
CA CYS A 150 4.87 0.68 -11.92
C CYS A 150 3.93 0.30 -10.78
N VAL A 152 2.45 -3.59 -8.81
CA VAL A 152 2.48 -5.05 -8.82
C VAL A 152 1.04 -5.50 -8.85
N GLY A 153 0.67 -6.14 -9.95
CA GLY A 153 -0.70 -6.59 -10.11
C GLY A 153 -0.95 -7.93 -9.46
N TYR A 154 -2.15 -8.09 -8.91
CA TYR A 154 -2.65 -9.37 -8.42
C TYR A 154 -3.92 -9.73 -9.19
N ARG A 155 -4.38 -10.97 -9.08
CA ARG A 155 -5.62 -11.37 -9.76
C ARG A 155 -6.78 -11.34 -8.77
N VAL A 156 -7.87 -10.69 -9.14
CA VAL A 156 -8.96 -10.43 -8.20
C VAL A 156 -9.49 -11.71 -7.55
N GLY A 157 -9.59 -12.78 -8.32
CA GLY A 157 -10.14 -14.04 -7.81
C GLY A 157 -9.32 -14.65 -6.69
N ASN A 158 -8.07 -14.24 -6.58
CA ASN A 158 -7.19 -14.71 -5.52
C ASN A 158 -7.25 -13.81 -4.28
N THR A 159 -8.04 -12.74 -4.33
CA THR A 159 -8.03 -11.75 -3.24
C THR A 159 -9.36 -11.58 -2.54
N LEU A 160 -10.27 -12.53 -2.71
CA LEU A 160 -11.62 -12.39 -2.15
C LEU A 160 -11.71 -12.97 -0.75
N SER A 161 -12.80 -12.68 -0.05
CA SER A 161 -13.06 -13.28 1.25
C SER A 161 -14.40 -14.03 1.25
N GLU A 162 -14.41 -15.19 1.88
CA GLU A 162 -15.66 -15.94 2.03
C GLU A 162 -16.61 -15.30 3.05
N SER A 163 -16.12 -14.27 3.76
CA SER A 163 -16.90 -13.67 4.84
C SER A 163 -17.68 -12.41 4.46
N GLY A 164 -17.40 -11.88 3.28
CA GLY A 164 -18.07 -10.67 2.84
C GLY A 164 -17.35 -10.02 1.67
N GLY A 165 -17.82 -8.84 1.26
CA GLY A 165 -17.24 -8.16 0.13
C GLY A 165 -15.92 -7.51 0.44
N VAL A 166 -15.10 -7.33 -0.59
CA VAL A 166 -13.84 -6.60 -0.44
C VAL A 166 -13.79 -5.40 -1.37
N SER A 167 -12.91 -4.47 -1.07
CA SER A 167 -12.73 -3.29 -1.89
C SER A 167 -11.38 -3.40 -2.57
N ARG A 168 -11.38 -3.23 -3.90
CA ARG A 168 -10.17 -3.43 -4.70
C ARG A 168 -10.02 -2.34 -5.76
N GLY A 169 -8.79 -1.93 -6.02
CA GLY A 169 -8.52 -1.06 -7.16
C GLY A 169 -8.61 -1.88 -8.44
N VAL A 170 -9.72 -1.75 -9.16
CA VAL A 170 -9.92 -2.54 -10.39
C VAL A 170 -9.21 -1.86 -11.56
N CYS A 171 -8.33 -2.61 -12.21
CA CYS A 171 -7.43 -2.04 -13.20
C CYS A 171 -7.80 -2.39 -14.64
N GLN A 172 -7.66 -1.42 -15.52
CA GLN A 172 -7.71 -1.68 -16.96
C GLN A 172 -6.27 -1.68 -17.44
N VAL A 173 -5.86 -2.74 -18.14
CA VAL A 173 -4.47 -2.89 -18.56
C VAL A 173 -4.41 -3.26 -20.04
N ASP A 174 -3.58 -2.55 -20.80
CA ASP A 174 -3.58 -2.75 -22.25
C ASP A 174 -2.57 -3.83 -22.64
N GLU A 175 -2.45 -4.10 -23.94
CA GLU A 175 -1.62 -5.21 -24.42
C GLU A 175 -0.13 -5.00 -24.18
N LYS A 176 0.28 -3.76 -23.92
CA LYS A 176 1.68 -3.48 -23.60
C LYS A 176 1.91 -3.55 -22.09
N HIS A 177 0.93 -4.08 -21.35
CA HIS A 177 1.04 -4.20 -19.90
C HIS A 177 1.07 -2.83 -19.20
N LEU A 178 0.45 -1.83 -19.81
CA LEU A 178 0.38 -0.50 -19.22
C LEU A 178 -1.01 -0.23 -18.66
N LEU A 179 -1.05 0.34 -17.47
CA LEU A 179 -2.28 0.70 -16.78
C LEU A 179 -2.96 1.83 -17.53
N THR A 180 -4.22 1.65 -17.88
CA THR A 180 -4.92 2.73 -18.58
C THR A 180 -5.98 3.34 -17.67
N GLY A 181 -6.29 2.65 -16.57
CA GLY A 181 -7.26 3.16 -15.63
C GLY A 181 -7.29 2.33 -14.36
N VAL A 182 -7.53 2.98 -13.22
CA VAL A 182 -7.74 2.27 -11.98
C VAL A 182 -8.80 2.99 -11.15
N VAL A 183 -9.77 2.24 -10.67
CA VAL A 183 -10.85 2.82 -9.88
C VAL A 183 -11.24 1.90 -8.73
N GLU A 184 -11.26 2.46 -7.52
CA GLU A 184 -11.61 1.70 -6.32
C GLU A 184 -13.06 1.23 -6.38
N ARG A 185 -13.27 -0.08 -6.28
CA ARG A 185 -14.62 -0.63 -6.26
C ARG A 185 -14.84 -1.39 -4.96
N THR A 186 -15.96 -1.13 -4.29
CA THR A 186 -16.28 -1.82 -3.04
C THR A 186 -17.26 -2.96 -3.28
N GLY A 187 -17.35 -3.87 -2.31
CA GLY A 187 -18.37 -4.90 -2.32
C GLY A 187 -18.16 -6.06 -3.28
N ILE A 188 -16.92 -6.26 -3.71
CA ILE A 188 -16.63 -7.35 -4.64
C ILE A 188 -16.75 -8.70 -3.95
N GLU A 189 -17.60 -9.56 -4.50
CA GLU A 189 -17.82 -10.88 -3.93
C GLU A 189 -17.99 -11.90 -5.05
N ARG A 190 -17.58 -13.14 -4.79
CA ARG A 190 -17.93 -14.21 -5.70
C ARG A 190 -19.24 -14.78 -5.21
N THR A 191 -20.32 -14.46 -5.93
CA THR A 191 -21.64 -14.94 -5.60
C THR A 191 -22.00 -16.06 -6.57
N ASP A 192 -22.00 -17.28 -6.06
CA ASP A 192 -22.21 -18.48 -6.87
C ASP A 192 -21.55 -18.44 -8.25
N GLY A 193 -20.23 -18.60 -8.28
CA GLY A 193 -19.51 -18.79 -9.52
C GLY A 193 -18.99 -17.55 -10.22
N THR A 194 -19.64 -16.41 -10.01
CA THR A 194 -19.25 -15.19 -10.71
C THR A 194 -18.91 -14.03 -9.77
N ILE A 195 -17.79 -13.37 -10.07
CA ILE A 195 -17.34 -12.25 -9.27
C ILE A 195 -18.05 -10.98 -9.76
N SER A 196 -18.74 -10.28 -8.86
CA SER A 196 -19.40 -9.04 -9.24
C SER A 196 -19.32 -7.93 -8.19
N PHE A 197 -19.58 -6.71 -8.64
CA PHE A 197 -19.77 -5.55 -7.77
C PHE A 197 -20.80 -4.64 -8.43
N ARG A 198 -21.20 -3.57 -7.75
CA ARG A 198 -22.11 -2.59 -8.32
C ARG A 198 -21.39 -1.27 -8.47
N ASP A 199 -21.52 -0.63 -9.64
CA ASP A 199 -20.85 0.65 -9.86
C ASP A 199 -21.66 1.83 -9.33
N GLU A 200 -21.18 3.05 -9.59
CA GLU A 200 -21.81 4.27 -9.11
C GLU A 200 -23.29 4.35 -9.49
N THR A 201 -23.62 3.83 -10.66
CA THR A 201 -25.00 3.92 -11.16
C THR A 201 -25.85 2.74 -10.71
N GLY A 202 -25.33 1.96 -9.77
CA GLY A 202 -26.04 0.83 -9.21
C GLY A 202 -26.12 -0.37 -10.14
N LYS A 203 -25.41 -0.29 -11.27
CA LYS A 203 -25.37 -1.41 -12.21
C LYS A 203 -24.38 -2.46 -11.72
N ILE A 204 -24.76 -3.73 -11.84
CA ILE A 204 -23.84 -4.80 -11.46
C ILE A 204 -22.87 -5.09 -12.60
N CYS A 205 -21.60 -5.22 -12.24
CA CYS A 205 -20.55 -5.52 -13.19
C CYS A 205 -19.84 -6.80 -12.76
N THR A 206 -19.47 -7.63 -13.72
CA THR A 206 -18.73 -8.85 -13.39
C THR A 206 -17.25 -8.70 -13.71
N LEU A 207 -16.45 -9.58 -13.12
CA LEU A 207 -15.01 -9.56 -13.28
C LEU A 207 -14.54 -10.98 -13.51
N ALA A 208 -13.61 -11.16 -14.45
CA ALA A 208 -12.98 -12.46 -14.64
C ALA A 208 -12.14 -12.83 -13.43
N GLU A 209 -11.92 -14.13 -13.21
CA GLU A 209 -11.08 -14.56 -12.09
C GLU A 209 -9.68 -13.94 -12.13
N ASP A 210 -9.16 -13.75 -13.34
CA ASP A 210 -7.79 -13.23 -13.51
C ASP A 210 -7.72 -11.73 -13.75
N ALA A 211 -8.84 -11.02 -13.58
CA ALA A 211 -8.83 -9.57 -13.74
C ALA A 211 -7.81 -8.93 -12.81
N PRO A 212 -6.98 -8.02 -13.34
CA PRO A 212 -5.92 -7.42 -12.51
C PRO A 212 -6.48 -6.44 -11.48
N VAL A 213 -5.91 -6.45 -10.27
CA VAL A 213 -6.27 -5.46 -9.26
C VAL A 213 -5.02 -4.90 -8.61
N SER A 214 -5.13 -3.68 -8.11
CA SER A 214 -4.11 -3.08 -7.28
C SER A 214 -4.32 -3.54 -5.83
N ASN A 216 -2.29 -1.88 -3.62
CA ASN A 216 -1.53 -0.74 -3.10
C ASN A 216 -0.03 -1.03 -2.97
N TRP A 218 3.06 -0.08 -5.09
CA TRP A 218 3.41 0.79 -6.23
C TRP A 218 4.91 1.02 -6.27
N GLY A 219 5.42 1.42 -7.44
CA GLY A 219 6.79 1.88 -7.57
C GLY A 219 6.80 3.26 -8.23
N PHE A 220 7.44 4.23 -7.57
CA PHE A 220 7.44 5.62 -8.06
C PHE A 220 8.86 6.18 -8.11
N THR A 221 9.00 7.34 -8.75
CA THR A 221 10.21 8.15 -8.65
C THR A 221 9.80 9.45 -7.97
N PRO A 222 10.78 10.23 -7.48
CA PRO A 222 10.40 11.36 -6.61
C PRO A 222 9.56 12.46 -7.28
N ASP A 223 9.55 12.53 -8.61
CA ASP A 223 8.68 13.52 -9.27
C ASP A 223 7.21 13.25 -8.91
N TYR A 224 6.94 12.03 -8.47
CA TYR A 224 5.58 11.69 -8.04
C TYR A 224 5.14 12.58 -6.89
N PHE A 225 6.05 12.95 -6.00
CA PHE A 225 5.67 13.86 -4.91
C PHE A 225 5.19 15.21 -5.46
N ASP A 226 5.86 15.70 -6.49
CA ASP A 226 5.50 17.00 -7.06
C ASP A 226 4.15 16.96 -7.77
N TYR A 227 3.90 15.90 -8.53
CA TYR A 227 2.60 15.77 -9.18
C TYR A 227 1.51 15.64 -8.11
N SER A 228 1.80 14.89 -7.05
CA SER A 228 0.82 14.70 -5.97
C SER A 228 0.53 16.02 -5.28
N GLU A 229 1.55 16.85 -5.09
CA GLU A 229 1.31 18.17 -4.46
C GLU A 229 0.42 19.03 -5.35
N GLU A 230 0.63 18.97 -6.65
CA GLU A 230 -0.20 19.72 -7.58
C GLU A 230 -1.67 19.30 -7.46
N LEU A 231 -1.93 18.00 -7.45
CA LEU A 231 -3.29 17.47 -7.38
CA LEU A 231 -3.29 17.48 -7.38
C LEU A 231 -3.88 17.65 -5.98
N PHE A 232 -3.02 17.65 -4.96
CA PHE A 232 -3.50 17.92 -3.59
C PHE A 232 -4.07 19.32 -3.46
N ILE A 233 -3.37 20.30 -4.02
CA ILE A 233 -3.88 21.67 -4.06
C ILE A 233 -5.26 21.69 -4.71
N ASN A 234 -5.41 20.98 -5.83
CA ASN A 234 -6.70 20.94 -6.51
C ASN A 234 -7.75 20.32 -5.62
N PHE A 235 -7.37 19.22 -4.97
CA PHE A 235 -8.24 18.51 -4.05
C PHE A 235 -8.71 19.40 -2.90
N LEU A 236 -7.76 20.04 -2.22
CA LEU A 236 -8.10 20.97 -1.13
C LEU A 236 -9.03 22.08 -1.59
N ASN A 237 -8.78 22.62 -2.76
CA ASN A 237 -9.65 23.66 -3.30
C ASN A 237 -11.09 23.18 -3.53
N ALA A 238 -11.24 21.93 -3.94
CA ALA A 238 -12.55 21.39 -4.29
C ALA A 238 -13.29 20.75 -3.12
N HIS A 239 -12.54 20.10 -2.24
CA HIS A 239 -13.12 19.26 -1.19
C HIS A 239 -12.51 19.51 0.17
N GLY A 240 -11.69 20.56 0.28
CA GLY A 240 -10.96 20.82 1.51
C GLY A 240 -11.84 21.14 2.71
N GLN A 241 -13.04 21.66 2.46
CA GLN A 241 -13.93 22.03 3.56
C GLN A 241 -14.85 20.87 3.95
N GLU A 242 -14.82 19.80 3.17
CA GLU A 242 -15.63 18.62 3.48
C GLU A 242 -15.04 17.82 4.64
N PRO A 243 -15.91 17.23 5.47
CA PRO A 243 -15.50 16.56 6.71
C PRO A 243 -14.79 15.23 6.46
N LYS A 244 -15.19 14.51 5.42
CA LYS A 244 -14.70 13.14 5.23
C LYS A 244 -14.04 12.88 3.86
N SER A 245 -13.74 13.95 3.13
CA SER A 245 -13.10 13.81 1.83
C SER A 245 -11.70 13.23 2.00
N GLU A 246 -11.25 12.43 1.02
CA GLU A 246 -9.95 11.77 1.10
C GLU A 246 -9.19 11.82 -0.21
N PHE A 247 -7.86 11.95 -0.10
CA PHE A 247 -6.96 12.07 -1.24
C PHE A 247 -6.20 10.76 -1.37
N PHE A 248 -6.62 9.94 -2.34
CA PHE A 248 -6.17 8.55 -2.47
C PHE A 248 -5.15 8.34 -3.59
N ILE A 249 -4.24 7.38 -3.43
CA ILE A 249 -3.25 7.11 -4.46
C ILE A 249 -3.84 6.77 -5.85
N PRO A 250 -4.78 5.80 -5.89
CA PRO A 250 -5.38 5.42 -7.19
C PRO A 250 -5.98 6.61 -7.94
N PHE A 251 -6.59 7.55 -7.21
CA PHE A 251 -7.16 8.73 -7.84
C PHE A 251 -6.11 9.56 -8.57
N VAL A 252 -5.01 9.84 -7.87
CA VAL A 252 -3.89 10.58 -8.44
C VAL A 252 -3.26 9.84 -9.62
N VAL A 253 -2.97 8.56 -9.43
CA VAL A 253 -2.37 7.76 -10.50
C VAL A 253 -3.28 7.74 -11.72
N ASN A 254 -4.57 7.57 -11.48
CA ASN A 254 -5.53 7.56 -12.58
C ASN A 254 -5.51 8.89 -13.36
N ASP A 255 -5.39 10.00 -12.63
CA ASP A 255 -5.39 11.30 -13.27
C ASP A 255 -4.14 11.47 -14.14
N LEU A 256 -3.00 11.04 -13.62
CA LEU A 256 -1.73 11.20 -14.34
C LEU A 256 -1.66 10.35 -15.60
N ILE A 257 -2.14 9.11 -15.52
CA ILE A 257 -2.15 8.30 -16.73
C ILE A 257 -3.17 8.79 -17.76
N ARG A 258 -4.31 9.28 -17.30
CA ARG A 258 -5.27 9.83 -18.24
C ARG A 258 -4.76 11.07 -19.00
N SER A 259 -3.97 11.90 -18.33
CA SER A 259 -3.43 13.09 -18.98
C SER A 259 -2.20 12.76 -19.86
N GLY A 260 -1.65 11.56 -19.67
CA GLY A 260 -0.45 11.16 -20.37
C GLY A 260 0.87 11.56 -19.69
N ARG A 261 0.79 12.22 -18.53
CA ARG A 261 2.01 12.63 -17.83
C ARG A 261 2.75 11.48 -17.15
N ALA A 262 2.06 10.38 -16.90
CA ALA A 262 2.72 9.20 -16.35
C ALA A 262 2.27 7.95 -17.08
N SER A 263 3.16 6.96 -17.10
CA SER A 263 2.80 5.63 -17.56
C SER A 263 3.13 4.69 -16.43
N VAL A 264 2.34 3.63 -16.29
CA VAL A 264 2.51 2.73 -15.16
C VAL A 264 2.57 1.32 -15.73
N GLU A 265 3.70 0.64 -15.60
CA GLU A 265 3.77 -0.75 -16.05
C GLU A 265 3.22 -1.65 -14.96
N VAL A 266 2.34 -2.58 -15.36
CA VAL A 266 1.76 -3.52 -14.41
C VAL A 266 2.60 -4.81 -14.39
N LEU A 267 3.18 -5.12 -13.25
CA LEU A 267 4.09 -6.27 -13.12
C LEU A 267 3.29 -7.46 -12.63
N ASP A 268 3.20 -8.51 -13.45
CA ASP A 268 2.37 -9.66 -13.11
C ASP A 268 3.12 -10.68 -12.24
N THR A 269 3.18 -10.42 -10.94
CA THR A 269 3.94 -11.30 -10.04
C THR A 269 3.34 -12.69 -9.93
N THR A 270 4.16 -13.69 -9.62
CA THR A 270 3.68 -15.02 -9.27
C THR A 270 3.32 -15.11 -7.78
N ALA A 271 3.65 -14.07 -7.02
CA ALA A 271 3.31 -14.07 -5.60
C ALA A 271 1.79 -14.05 -5.41
N ARG A 272 1.34 -14.56 -4.28
CA ARG A 272 -0.06 -14.47 -3.90
C ARG A 272 -0.25 -13.65 -2.63
N TRP A 273 -1.17 -12.68 -2.68
CA TRP A 273 -1.50 -11.82 -1.56
C TRP A 273 -2.31 -12.59 -0.52
N PHE A 274 -2.09 -12.26 0.74
CA PHE A 274 -3.14 -12.50 1.73
C PHE A 274 -3.17 -11.48 2.84
N GLY A 275 -4.28 -11.46 3.56
CA GLY A 275 -4.53 -10.42 4.53
C GLY A 275 -5.83 -10.71 5.23
N VAL A 276 -6.03 -10.02 6.36
CA VAL A 276 -7.20 -10.26 7.17
C VAL A 276 -8.20 -9.16 6.90
N THR A 277 -9.20 -9.44 6.07
CA THR A 277 -10.26 -8.46 5.81
C THR A 277 -11.33 -8.53 6.90
N TYR A 278 -11.77 -9.75 7.19
CA TYR A 278 -12.74 -10.00 8.23
C TYR A 278 -12.07 -10.90 9.26
N SER A 279 -12.48 -10.80 10.52
CA SER A 279 -11.83 -11.56 11.59
C SER A 279 -11.80 -13.06 11.27
N ASP A 280 -12.87 -13.56 10.68
CA ASP A 280 -12.95 -14.96 10.26
C ASP A 280 -11.88 -15.37 9.25
N ASP A 281 -11.29 -14.40 8.56
CA ASP A 281 -10.20 -14.67 7.60
C ASP A 281 -8.89 -15.02 8.29
N ARG A 282 -8.76 -14.65 9.57
CA ARG A 282 -7.45 -14.74 10.22
C ARG A 282 -6.83 -16.15 10.31
N PRO A 283 -7.61 -17.16 10.73
CA PRO A 283 -7.01 -18.50 10.84
C PRO A 283 -6.40 -18.98 9.51
N GLY A 284 -6.98 -18.57 8.38
CA GLY A 284 -6.46 -18.99 7.09
C GLY A 284 -5.11 -18.37 6.84
N VAL A 285 -4.93 -17.14 7.29
CA VAL A 285 -3.66 -16.45 7.15
C VAL A 285 -2.61 -17.09 8.07
N VAL A 286 -2.98 -17.35 9.32
CA VAL A 286 -2.12 -18.11 10.22
C VAL A 286 -1.64 -19.42 9.55
N ALA A 287 -2.57 -20.14 8.94
CA ALA A 287 -2.23 -21.42 8.31
C ALA A 287 -1.28 -21.24 7.12
N LYS A 288 -1.49 -20.19 6.32
CA LYS A 288 -0.64 -19.98 5.16
CA LYS A 288 -0.65 -19.99 5.15
C LYS A 288 0.79 -19.64 5.56
N LEU A 289 0.94 -18.81 6.59
CA LEU A 289 2.28 -18.47 7.06
C LEU A 289 2.99 -19.72 7.62
N ARG A 290 2.24 -20.58 8.30
CA ARG A 290 2.81 -21.81 8.86
C ARG A 290 3.27 -22.72 7.72
N GLU A 291 2.46 -22.83 6.69
CA GLU A 291 2.77 -23.65 5.53
CA GLU A 291 2.75 -23.62 5.49
C GLU A 291 4.01 -23.15 4.76
N LEU A 292 4.12 -21.85 4.56
CA LEU A 292 5.28 -21.28 3.88
C LEU A 292 6.55 -21.48 4.70
N THR A 293 6.40 -21.43 6.02
CA THR A 293 7.54 -21.63 6.91
C THR A 293 7.99 -23.09 6.88
N GLU A 294 7.04 -24.01 6.93
CA GLU A 294 7.37 -25.44 6.84
C GLU A 294 8.03 -25.77 5.49
N ALA A 295 7.72 -25.01 4.46
CA ALA A 295 8.31 -25.22 3.13
C ALA A 295 9.68 -24.57 2.99
N GLY A 296 10.13 -23.88 4.02
CA GLY A 296 11.43 -23.25 4.01
C GLY A 296 11.52 -21.86 3.39
N GLU A 297 10.37 -21.25 3.08
CA GLU A 297 10.34 -19.93 2.48
CA GLU A 297 10.36 -19.92 2.47
C GLU A 297 10.80 -18.86 3.46
N TYR A 298 10.56 -19.10 4.74
CA TYR A 298 10.95 -18.20 5.83
C TYR A 298 11.49 -19.01 6.98
N PRO A 299 12.40 -18.42 7.77
CA PRO A 299 12.77 -19.05 9.04
C PRO A 299 11.62 -18.93 10.04
N THR A 300 11.61 -19.78 11.06
CA THR A 300 10.53 -19.69 12.05
C THR A 300 10.46 -18.32 12.72
N LYS A 301 11.61 -17.75 13.06
CA LYS A 301 11.64 -16.42 13.63
C LYS A 301 12.38 -15.49 12.69
N LEU A 302 11.74 -14.40 12.30
CA LEU A 302 12.30 -13.44 11.35
CA LEU A 302 12.32 -13.46 11.36
C LEU A 302 13.22 -12.43 12.05
N PHE A 303 12.68 -11.79 13.09
CA PHE A 303 13.40 -10.76 13.82
C PHE A 303 13.34 -11.02 15.34
#